data_7OFZ
#
_entry.id   7OFZ
#
_cell.length_a   144.400
_cell.length_b   144.400
_cell.length_c   62.030
_cell.angle_alpha   90.000
_cell.angle_beta   90.000
_cell.angle_gamma   90.000
#
_symmetry.space_group_name_H-M   'P 4 21 2'
#
loop_
_entity.id
_entity.type
_entity.pdbx_description
1 polymer 'ABC-type transport system, periplasmic component, involved in antimicrobial peptide resistance'
2 polymer "RNA (5'-R(P*CP*CP*CP*CP*CP*CP*CP*CP*CP*CP*GP*GP*GP*GP*GP*GP*GP*GP*G)-3')"
3 non-polymer 'SODIUM ION'
4 water water
#
loop_
_entity_poly.entity_id
_entity_poly.type
_entity_poly.pdbx_seq_one_letter_code
_entity_poly.pdbx_strand_id
1 'polypeptide(L)'
;GLTYCTHASGFSFNPQTADAGTSMNVVTEQIYNKLFDIKNHSATLTPMLAQSYSISADGKEILLNLRHGVKFHQTPWFTP
TRDFNAEDVVFSINRVLGHNTYLPTLAEANVTYSNPQYKVFHEQARKVRFPYFDSIKLNEKIKSVTALSPYQVKIELFAP
DSSILSHLASQYAIIFSQEYAYQLSADDNLAQLDTHPVGTGPYQVKDYVYNQYVRLVRNENYWKKEAKIEHIIVDLSTDR
SGRLVKFFNNECQIASYPEVSQIGLLKNDDKHYYMQSTDGMNLAYLAFNFDKPLMRDHEIRAAISQSLNRARIIHSIYHN
TATVANNIIPEVSWASTVNTPEFEFDYHPKIAKNKLADKNLLLNLWVINEEQVYNPAPFKMAEMIKWDLAQAGVKVKVRA
VTRPFLTAQLRNQSENYDLILSGWLAGNLDPDGFMRPILSCGTKNELTNLSNWCNEEFDQFMDRAITTSHLSSRAKAYNE
AQELVLRELPIIPIANVKRILVANSRVKGVKMTPFGSLDFSTLYFI
;
A
2 'polyribonucleotide' CCCCCCCCCCGGGGGGGGG C
#
loop_
_chem_comp.id
_chem_comp.type
_chem_comp.name
_chem_comp.formula
C RNA linking CYTIDINE-5'-MONOPHOSPHATE 'C9 H14 N3 O8 P'
G RNA linking GUANOSINE-5'-MONOPHOSPHATE 'C10 H14 N5 O8 P'
NA non-polymer 'SODIUM ION' 'Na 1'
#
# COMPACT_ATOMS: atom_id res chain seq x y z
N GLY A 1 13.68 -22.47 14.10
CA GLY A 1 12.34 -21.94 13.89
C GLY A 1 12.18 -20.49 14.33
N LEU A 2 11.46 -19.69 13.51
CA LEU A 2 11.19 -18.27 13.78
C LEU A 2 9.70 -17.95 13.85
N THR A 3 9.31 -17.04 14.77
CA THR A 3 7.95 -16.55 14.96
C THR A 3 7.89 -15.02 14.73
N TYR A 4 7.03 -14.63 13.79
CA TYR A 4 6.79 -13.24 13.41
C TYR A 4 5.42 -12.89 13.92
N CYS A 5 5.31 -11.91 14.87
CA CYS A 5 4.00 -11.51 15.39
C CYS A 5 3.58 -10.21 14.79
N THR A 6 2.38 -10.18 14.20
CA THR A 6 1.75 -9.01 13.59
C THR A 6 0.23 -9.04 13.79
N HIS A 7 -0.46 -7.97 13.36
CA HIS A 7 -1.92 -7.81 13.50
C HIS A 7 -2.67 -8.69 12.53
N ALA A 8 -3.85 -9.16 12.94
CA ALA A 8 -4.69 -9.99 12.07
C ALA A 8 -5.42 -9.09 11.04
N SER A 9 -5.37 -7.77 11.29
CA SER A 9 -5.93 -6.69 10.49
C SER A 9 -5.27 -6.62 9.10
N GLY A 10 -6.05 -6.88 8.07
CA GLY A 10 -5.58 -6.86 6.68
C GLY A 10 -5.00 -8.15 6.15
N PHE A 11 -5.08 -9.27 6.93
CA PHE A 11 -4.54 -10.61 6.55
C PHE A 11 -5.23 -11.20 5.32
N SER A 12 -4.43 -11.46 4.29
CA SER A 12 -4.91 -12.02 3.03
C SER A 12 -3.81 -12.84 2.33
N PHE A 13 -4.23 -13.88 1.58
CA PHE A 13 -3.38 -14.70 0.69
C PHE A 13 -3.56 -14.13 -0.73
N ASN A 14 -4.17 -12.94 -0.82
CA ASN A 14 -4.44 -12.23 -2.08
C ASN A 14 -4.50 -10.72 -1.92
N PRO A 15 -3.37 -10.01 -2.14
CA PRO A 15 -3.41 -8.53 -2.05
C PRO A 15 -4.16 -7.86 -3.21
N GLN A 16 -4.56 -8.64 -4.22
CA GLN A 16 -5.29 -8.13 -5.37
C GLN A 16 -6.73 -7.74 -5.06
N THR A 17 -7.47 -8.57 -4.29
CA THR A 17 -8.86 -8.30 -3.89
C THR A 17 -8.99 -7.36 -2.65
N ALA A 18 -7.86 -7.08 -1.97
CA ALA A 18 -7.75 -6.22 -0.78
C ALA A 18 -7.92 -4.76 -1.12
N ASP A 19 -8.49 -3.97 -0.20
CA ASP A 19 -8.70 -2.53 -0.40
C ASP A 19 -7.34 -1.85 -0.54
N ALA A 20 -7.21 -0.95 -1.53
CA ALA A 20 -5.93 -0.30 -1.81
C ALA A 20 -5.51 0.76 -0.80
N GLY A 21 -4.20 0.84 -0.58
CA GLY A 21 -3.53 1.79 0.29
C GLY A 21 -3.68 1.55 1.77
N THR A 22 -4.03 0.30 2.13
CA THR A 22 -4.28 -0.12 3.50
C THR A 22 -3.21 -1.08 4.02
N SER A 23 -2.49 -1.80 3.14
CA SER A 23 -1.51 -2.76 3.65
C SER A 23 -0.30 -3.03 2.77
N MET A 24 0.67 -3.73 3.38
CA MET A 24 1.85 -4.33 2.79
C MET A 24 1.73 -5.78 3.23
N ASN A 25 1.32 -6.67 2.29
CA ASN A 25 1.10 -8.08 2.55
C ASN A 25 2.40 -8.84 2.83
N VAL A 26 2.67 -9.13 4.11
CA VAL A 26 3.88 -9.82 4.59
C VAL A 26 3.89 -11.30 4.20
N VAL A 27 2.71 -11.88 3.91
CA VAL A 27 2.58 -13.32 3.65
C VAL A 27 2.79 -13.64 2.19
N THR A 28 2.16 -12.86 1.30
CA THR A 28 2.30 -13.06 -0.14
C THR A 28 3.67 -12.58 -0.64
N GLU A 29 4.42 -11.82 0.17
CA GLU A 29 5.79 -11.37 -0.10
C GLU A 29 6.74 -12.60 -0.03
N GLN A 30 6.27 -13.74 0.50
CA GLN A 30 7.12 -14.92 0.73
C GLN A 30 6.78 -16.13 -0.07
N ILE A 31 5.50 -16.27 -0.43
CA ILE A 31 4.97 -17.46 -1.09
C ILE A 31 4.74 -17.26 -2.59
N TYR A 32 4.71 -15.98 -3.02
CA TYR A 32 4.48 -15.57 -4.40
C TYR A 32 5.59 -14.67 -4.89
N ASN A 33 5.85 -14.72 -6.20
CA ASN A 33 6.84 -13.90 -6.88
C ASN A 33 6.12 -13.01 -7.87
N LYS A 34 6.70 -11.85 -8.15
CA LYS A 34 6.21 -10.91 -9.18
C LYS A 34 7.19 -11.09 -10.39
N LEU A 35 6.94 -10.42 -11.53
CA LEU A 35 7.85 -10.51 -12.70
C LEU A 35 9.14 -9.72 -12.38
N PHE A 36 8.98 -8.61 -11.63
CA PHE A 36 10.07 -7.75 -11.18
C PHE A 36 9.81 -7.34 -9.75
N ASP A 37 10.86 -6.81 -9.09
CA ASP A 37 10.85 -6.20 -7.77
C ASP A 37 11.53 -4.85 -7.88
N ILE A 38 11.15 -3.91 -7.03
CA ILE A 38 11.74 -2.57 -6.96
C ILE A 38 12.02 -2.38 -5.48
N LYS A 39 13.29 -2.51 -5.10
CA LYS A 39 13.74 -2.40 -3.71
C LYS A 39 14.84 -1.35 -3.54
N ASN A 40 14.73 -0.22 -4.27
CA ASN A 40 15.68 0.90 -4.16
C ASN A 40 15.05 2.25 -4.48
N HIS A 41 15.63 3.32 -3.89
CA HIS A 41 15.20 4.72 -4.01
C HIS A 41 15.52 5.28 -5.41
N SER A 42 15.95 4.40 -6.33
CA SER A 42 16.30 4.72 -7.72
C SER A 42 15.30 4.07 -8.69
N ALA A 43 14.38 3.23 -8.15
CA ALA A 43 13.35 2.47 -8.88
C ALA A 43 13.91 1.60 -10.02
N THR A 44 14.95 0.81 -9.68
CA THR A 44 15.61 -0.12 -10.59
C THR A 44 14.80 -1.41 -10.61
N LEU A 45 14.46 -1.89 -11.80
CA LEU A 45 13.71 -3.12 -12.00
C LEU A 45 14.60 -4.34 -11.75
N THR A 46 14.41 -5.02 -10.62
CA THR A 46 15.16 -6.23 -10.24
C THR A 46 14.43 -7.40 -10.93
N PRO A 47 15.07 -8.13 -11.88
CA PRO A 47 14.39 -9.26 -12.54
C PRO A 47 14.00 -10.40 -11.58
N MET A 48 12.73 -10.86 -11.62
CA MET A 48 12.25 -11.95 -10.76
C MET A 48 11.77 -13.15 -11.57
N LEU A 49 10.48 -13.23 -11.92
CA LEU A 49 9.99 -14.32 -12.74
C LEU A 49 10.22 -13.98 -14.22
N ALA A 50 10.76 -12.79 -14.48
CA ALA A 50 11.10 -12.30 -15.80
C ALA A 50 12.57 -11.97 -15.77
N GLN A 51 13.37 -12.79 -16.46
CA GLN A 51 14.82 -12.70 -16.63
C GLN A 51 15.21 -11.32 -17.20
N SER A 52 14.40 -10.82 -18.18
CA SER A 52 14.62 -9.56 -18.90
C SER A 52 13.35 -9.04 -19.62
N TYR A 53 13.49 -7.88 -20.29
CA TYR A 53 12.43 -7.21 -21.05
C TYR A 53 13.02 -6.25 -22.10
N SER A 54 12.15 -5.76 -22.99
CA SER A 54 12.47 -4.76 -24.01
C SER A 54 11.18 -4.07 -24.38
N ILE A 55 11.25 -2.75 -24.66
CA ILE A 55 10.12 -1.90 -25.04
C ILE A 55 10.32 -1.46 -26.50
N SER A 56 9.24 -1.52 -27.31
CA SER A 56 9.25 -1.09 -28.71
C SER A 56 9.51 0.42 -28.78
N ALA A 57 10.17 0.89 -29.87
CA ALA A 57 10.52 2.30 -30.12
C ALA A 57 9.37 3.28 -29.89
N ASP A 58 8.14 2.93 -30.34
CA ASP A 58 6.92 3.74 -30.16
C ASP A 58 6.40 3.75 -28.71
N GLY A 59 6.92 2.83 -27.88
CA GLY A 59 6.60 2.66 -26.47
C GLY A 59 5.30 1.93 -26.17
N LYS A 60 4.63 1.43 -27.21
CA LYS A 60 3.34 0.76 -27.06
C LYS A 60 3.45 -0.78 -26.96
N GLU A 61 4.66 -1.34 -27.00
CA GLU A 61 4.80 -2.80 -26.90
C GLU A 61 5.93 -3.24 -25.97
N ILE A 62 5.60 -4.02 -24.93
CA ILE A 62 6.59 -4.56 -23.98
C ILE A 62 6.66 -6.08 -24.14
N LEU A 63 7.89 -6.62 -24.29
CA LEU A 63 8.15 -8.07 -24.40
C LEU A 63 8.89 -8.53 -23.15
N LEU A 64 8.35 -9.54 -22.45
CA LEU A 64 8.96 -10.07 -21.23
C LEU A 64 9.55 -11.45 -21.48
N ASN A 65 10.86 -11.59 -21.20
CA ASN A 65 11.62 -12.84 -21.34
C ASN A 65 11.69 -13.49 -19.97
N LEU A 66 10.88 -14.53 -19.79
CA LEU A 66 10.69 -15.26 -18.55
C LEU A 66 11.80 -16.26 -18.24
N ARG A 67 12.08 -16.44 -16.94
CA ARG A 67 13.08 -17.34 -16.39
C ARG A 67 12.70 -18.80 -16.65
N HIS A 68 13.70 -19.65 -16.91
CA HIS A 68 13.49 -21.07 -17.16
C HIS A 68 13.72 -21.85 -15.86
N GLY A 69 13.17 -23.05 -15.78
CA GLY A 69 13.33 -23.95 -14.63
C GLY A 69 12.69 -23.54 -13.33
N VAL A 70 11.70 -22.63 -13.37
CA VAL A 70 11.00 -22.16 -12.18
C VAL A 70 9.82 -23.10 -11.98
N LYS A 71 9.72 -23.67 -10.80
CA LYS A 71 8.62 -24.57 -10.48
C LYS A 71 7.74 -24.05 -9.36
N PHE A 72 6.46 -24.42 -9.45
CA PHE A 72 5.46 -24.05 -8.47
C PHE A 72 5.57 -24.95 -7.23
N HIS A 73 4.99 -24.52 -6.11
CA HIS A 73 5.02 -25.25 -4.84
C HIS A 73 4.37 -26.63 -4.98
N GLN A 74 5.00 -27.66 -4.37
CA GLN A 74 4.48 -29.02 -4.31
C GLN A 74 3.85 -29.14 -2.93
N THR A 75 2.55 -28.86 -2.87
CA THR A 75 1.76 -28.86 -1.63
C THR A 75 0.85 -30.10 -1.59
N PRO A 76 0.21 -30.43 -0.43
CA PRO A 76 -0.72 -31.58 -0.44
C PRO A 76 -1.94 -31.36 -1.36
N TRP A 77 -2.37 -30.09 -1.54
CA TRP A 77 -3.52 -29.72 -2.37
C TRP A 77 -3.23 -29.59 -3.87
N PHE A 78 -1.94 -29.49 -4.25
CA PHE A 78 -1.56 -29.41 -5.66
C PHE A 78 -0.16 -29.92 -5.92
N THR A 79 0.00 -30.66 -7.04
CA THR A 79 1.29 -31.20 -7.46
C THR A 79 1.50 -30.84 -8.93
N PRO A 80 2.33 -29.79 -9.23
CA PRO A 80 2.53 -29.40 -10.64
C PRO A 80 3.19 -30.48 -11.50
N THR A 81 2.91 -30.45 -12.83
CA THR A 81 3.45 -31.38 -13.85
C THR A 81 4.37 -30.64 -14.82
N ARG A 82 4.36 -29.28 -14.77
CA ARG A 82 5.18 -28.44 -15.62
C ARG A 82 5.79 -27.23 -14.90
N ASP A 83 6.86 -26.69 -15.48
CA ASP A 83 7.53 -25.48 -15.04
C ASP A 83 6.67 -24.26 -15.37
N PHE A 84 6.96 -23.13 -14.69
CA PHE A 84 6.35 -21.83 -14.89
C PHE A 84 6.66 -21.38 -16.30
N ASN A 85 5.66 -20.83 -17.00
CA ASN A 85 5.77 -20.32 -18.36
C ASN A 85 4.78 -19.21 -18.60
N ALA A 86 4.70 -18.73 -19.84
CA ALA A 86 3.87 -17.63 -20.33
C ALA A 86 2.40 -17.73 -20.03
N GLU A 87 1.90 -18.95 -19.89
CA GLU A 87 0.49 -19.24 -19.63
C GLU A 87 0.03 -18.75 -18.26
N ASP A 88 0.91 -18.92 -17.23
CA ASP A 88 0.68 -18.48 -15.85
C ASP A 88 0.71 -16.96 -15.77
N VAL A 89 1.58 -16.31 -16.61
CA VAL A 89 1.69 -14.85 -16.69
C VAL A 89 0.43 -14.31 -17.36
N VAL A 90 0.05 -14.88 -18.52
CA VAL A 90 -1.14 -14.48 -19.30
C VAL A 90 -2.41 -14.56 -18.42
N PHE A 91 -2.62 -15.68 -17.69
CA PHE A 91 -3.77 -15.87 -16.80
C PHE A 91 -3.85 -14.80 -15.71
N SER A 92 -2.74 -14.60 -14.98
CA SER A 92 -2.62 -13.69 -13.85
C SER A 92 -2.95 -12.22 -14.16
N ILE A 93 -2.43 -11.67 -15.26
CA ILE A 93 -2.69 -10.28 -15.63
C ILE A 93 -4.08 -10.13 -16.30
N ASN A 94 -4.48 -11.10 -17.16
CA ASN A 94 -5.79 -11.09 -17.82
C ASN A 94 -6.96 -11.11 -16.83
N ARG A 95 -6.79 -11.82 -15.69
CA ARG A 95 -7.80 -11.85 -14.64
C ARG A 95 -8.07 -10.41 -14.10
N VAL A 96 -7.01 -9.68 -13.67
CA VAL A 96 -7.10 -8.30 -13.15
C VAL A 96 -7.57 -7.29 -14.22
N LEU A 97 -7.29 -7.57 -15.51
CA LEU A 97 -7.71 -6.70 -16.62
C LEU A 97 -9.21 -6.84 -16.88
N GLY A 98 -9.71 -8.08 -16.76
CA GLY A 98 -11.10 -8.44 -17.03
C GLY A 98 -11.23 -9.01 -18.43
N HIS A 99 -10.15 -9.66 -18.90
CA HIS A 99 -10.01 -10.32 -20.20
C HIS A 99 -10.11 -11.82 -20.02
N ASN A 100 -10.36 -12.54 -21.12
CA ASN A 100 -10.50 -13.99 -21.15
C ASN A 100 -9.26 -14.73 -20.59
N THR A 101 -9.46 -15.56 -19.55
CA THR A 101 -8.44 -16.37 -18.88
C THR A 101 -8.33 -17.75 -19.55
N TYR A 102 -9.41 -18.13 -20.30
CA TYR A 102 -9.61 -19.39 -21.07
C TYR A 102 -9.58 -20.63 -20.16
N LEU A 103 -10.44 -20.62 -19.13
CA LEU A 103 -10.55 -21.69 -18.14
C LEU A 103 -11.96 -22.32 -18.13
N PRO A 104 -12.11 -23.59 -17.67
CA PRO A 104 -13.45 -24.22 -17.67
C PRO A 104 -14.41 -23.63 -16.63
N ARG A 129 -13.84 -7.29 -8.73
CA ARG A 129 -13.23 -6.12 -8.08
C ARG A 129 -11.76 -6.35 -7.59
N PHE A 130 -10.81 -5.60 -8.20
CA PHE A 130 -9.37 -5.64 -7.88
C PHE A 130 -9.02 -4.18 -7.52
N PRO A 131 -9.30 -3.75 -6.24
CA PRO A 131 -9.22 -2.32 -5.90
C PRO A 131 -8.01 -1.50 -6.44
N TYR A 132 -6.75 -1.99 -6.27
CA TYR A 132 -5.53 -1.32 -6.74
C TYR A 132 -5.55 -1.12 -8.24
N PHE A 133 -5.71 -2.22 -8.96
CA PHE A 133 -5.70 -2.25 -10.42
C PHE A 133 -6.90 -1.51 -11.02
N ASP A 134 -8.01 -1.44 -10.29
CA ASP A 134 -9.19 -0.66 -10.71
C ASP A 134 -8.89 0.82 -10.58
N SER A 135 -8.27 1.25 -9.44
CA SER A 135 -7.94 2.66 -9.16
C SER A 135 -6.86 3.25 -10.06
N ILE A 136 -5.99 2.41 -10.63
CA ILE A 136 -4.92 2.86 -11.52
C ILE A 136 -5.39 2.72 -12.97
N LYS A 137 -6.55 2.04 -13.15
CA LYS A 137 -7.26 1.77 -14.42
C LYS A 137 -6.37 1.03 -15.41
N LEU A 138 -5.96 -0.19 -15.02
CA LEU A 138 -5.07 -1.08 -15.77
C LEU A 138 -5.61 -1.43 -17.17
N ASN A 139 -6.91 -1.80 -17.28
CA ASN A 139 -7.53 -2.16 -18.57
C ASN A 139 -7.54 -1.00 -19.54
N GLU A 140 -7.43 0.23 -19.03
CA GLU A 140 -7.37 1.44 -19.85
C GLU A 140 -5.91 1.75 -20.22
N LYS A 141 -4.94 1.06 -19.56
CA LYS A 141 -3.50 1.16 -19.81
C LYS A 141 -3.07 0.02 -20.77
N ILE A 142 -3.50 -1.21 -20.48
CA ILE A 142 -3.20 -2.43 -21.25
C ILE A 142 -4.31 -2.70 -22.26
N LYS A 143 -3.89 -2.90 -23.51
CA LYS A 143 -4.74 -3.47 -24.54
C LYS A 143 -4.84 -5.00 -24.46
N SER A 144 -3.69 -5.72 -24.46
CA SER A 144 -3.67 -7.19 -24.41
C SER A 144 -2.37 -7.74 -23.84
N VAL A 145 -2.46 -8.96 -23.25
CA VAL A 145 -1.33 -9.73 -22.70
C VAL A 145 -1.44 -11.09 -23.38
N THR A 146 -0.44 -11.44 -24.19
CA THR A 146 -0.40 -12.69 -24.95
C THR A 146 0.94 -13.41 -24.88
N ALA A 147 0.89 -14.76 -25.00
CA ALA A 147 2.03 -15.66 -25.05
C ALA A 147 2.52 -15.79 -26.52
N LEU A 148 3.82 -15.49 -26.77
CA LEU A 148 4.44 -15.60 -28.09
C LEU A 148 5.14 -16.94 -28.22
N SER A 149 5.84 -17.33 -27.15
CA SER A 149 6.60 -18.57 -26.96
C SER A 149 6.22 -19.04 -25.55
N PRO A 150 6.63 -20.24 -25.05
CA PRO A 150 6.33 -20.57 -23.64
C PRO A 150 7.13 -19.68 -22.68
N TYR A 151 8.20 -19.02 -23.17
CA TYR A 151 9.08 -18.21 -22.35
C TYR A 151 9.16 -16.74 -22.82
N GLN A 152 8.08 -16.27 -23.48
CA GLN A 152 7.93 -14.90 -23.97
C GLN A 152 6.46 -14.40 -23.97
N VAL A 153 6.24 -13.24 -23.32
CA VAL A 153 4.94 -12.58 -23.18
C VAL A 153 5.00 -11.21 -23.85
N LYS A 154 3.95 -10.86 -24.61
CA LYS A 154 3.79 -9.58 -25.30
C LYS A 154 2.65 -8.79 -24.66
N ILE A 155 2.96 -7.58 -24.21
CA ILE A 155 2.01 -6.62 -23.63
C ILE A 155 1.80 -5.51 -24.64
N GLU A 156 0.55 -5.35 -25.07
CA GLU A 156 0.14 -4.28 -25.99
C GLU A 156 -0.36 -3.13 -25.13
N LEU A 157 0.07 -1.88 -25.44
CA LEU A 157 -0.37 -0.66 -24.75
C LEU A 157 -1.13 0.27 -25.69
N PHE A 158 -2.19 0.89 -25.18
CA PHE A 158 -3.02 1.84 -25.91
C PHE A 158 -2.21 3.07 -26.34
N ALA A 159 -1.26 3.50 -25.47
CA ALA A 159 -0.35 4.63 -25.61
C ALA A 159 0.86 4.40 -24.68
N PRO A 160 2.03 5.07 -24.84
CA PRO A 160 3.15 4.82 -23.90
C PRO A 160 2.80 5.16 -22.44
N ASP A 161 3.17 4.27 -21.53
CA ASP A 161 2.93 4.42 -20.09
C ASP A 161 4.22 4.01 -19.39
N SER A 162 4.95 4.98 -18.81
CA SER A 162 6.22 4.69 -18.12
C SER A 162 6.06 4.08 -16.71
N SER A 163 4.81 3.85 -16.28
CA SER A 163 4.46 3.27 -14.97
C SER A 163 4.08 1.79 -14.97
N ILE A 164 3.91 1.15 -16.14
CA ILE A 164 3.45 -0.23 -16.31
C ILE A 164 4.26 -1.28 -15.49
N LEU A 165 5.58 -1.34 -15.70
CA LEU A 165 6.43 -2.34 -15.04
C LEU A 165 6.58 -2.11 -13.54
N SER A 166 6.42 -0.84 -13.08
CA SER A 166 6.43 -0.51 -11.65
C SER A 166 5.19 -1.11 -10.97
N HIS A 167 4.03 -1.06 -11.65
CA HIS A 167 2.77 -1.66 -11.21
C HIS A 167 2.90 -3.19 -11.26
N LEU A 168 3.74 -3.70 -12.17
CA LEU A 168 3.94 -5.15 -12.24
C LEU A 168 5.07 -5.61 -11.32
N ALA A 169 5.67 -4.64 -10.57
CA ALA A 169 6.72 -4.82 -9.58
C ALA A 169 6.16 -4.65 -8.17
N SER A 170 4.84 -4.49 -8.08
CA SER A 170 4.13 -4.23 -6.83
C SER A 170 3.53 -5.48 -6.26
N GLN A 171 3.27 -5.45 -4.93
CA GLN A 171 2.68 -6.52 -4.14
C GLN A 171 1.43 -7.10 -4.76
N TYR A 172 0.71 -6.26 -5.50
CA TYR A 172 -0.52 -6.64 -6.18
C TYR A 172 -0.31 -7.50 -7.43
N ALA A 173 0.90 -7.51 -8.03
CA ALA A 173 1.17 -8.24 -9.28
C ALA A 173 1.86 -9.60 -9.10
N ILE A 174 1.32 -10.39 -8.17
CA ILE A 174 1.81 -11.75 -7.87
C ILE A 174 1.39 -12.72 -9.01
N ILE A 175 2.23 -13.72 -9.28
CA ILE A 175 1.91 -14.69 -10.32
C ILE A 175 1.38 -15.98 -9.68
N PHE A 176 0.20 -16.42 -10.14
CA PHE A 176 -0.54 -17.61 -9.74
C PHE A 176 -0.26 -18.71 -10.76
N SER A 177 -0.67 -19.95 -10.47
CA SER A 177 -0.47 -21.12 -11.33
C SER A 177 -1.68 -21.30 -12.24
N GLN A 178 -1.41 -21.35 -13.55
CA GLN A 178 -2.44 -21.55 -14.56
C GLN A 178 -2.88 -23.01 -14.49
N GLU A 179 -1.92 -23.95 -14.25
CA GLU A 179 -2.19 -25.38 -14.10
C GLU A 179 -3.15 -25.66 -12.93
N TYR A 180 -2.94 -24.97 -11.80
CA TYR A 180 -3.76 -25.05 -10.60
C TYR A 180 -5.17 -24.48 -10.84
N ALA A 181 -5.26 -23.29 -11.46
CA ALA A 181 -6.51 -22.59 -11.77
C ALA A 181 -7.35 -23.31 -12.83
N TYR A 182 -6.71 -24.10 -13.74
CA TYR A 182 -7.41 -24.87 -14.78
C TYR A 182 -8.12 -26.05 -14.09
N GLN A 183 -7.41 -26.71 -13.15
CA GLN A 183 -7.90 -27.81 -12.34
C GLN A 183 -9.02 -27.31 -11.44
N LEU A 184 -8.86 -26.10 -10.85
CA LEU A 184 -9.87 -25.52 -9.96
C LEU A 184 -11.14 -25.09 -10.67
N SER A 185 -11.02 -24.46 -11.88
CA SER A 185 -12.18 -24.01 -12.68
C SER A 185 -12.97 -25.18 -13.25
N ALA A 186 -12.31 -26.35 -13.39
CA ALA A 186 -12.91 -27.60 -13.84
C ALA A 186 -14.01 -28.09 -12.87
N ASP A 187 -13.96 -27.68 -11.57
CA ASP A 187 -14.91 -28.06 -10.52
C ASP A 187 -15.56 -26.85 -9.81
N ASP A 188 -15.56 -25.65 -10.44
CA ASP A 188 -16.11 -24.38 -9.87
C ASP A 188 -15.32 -23.89 -8.60
N ASN A 189 -14.20 -24.56 -8.30
CA ASN A 189 -13.33 -24.40 -7.12
C ASN A 189 -12.30 -23.22 -7.15
N LEU A 190 -12.37 -22.28 -8.13
CA LEU A 190 -11.43 -21.15 -8.27
C LEU A 190 -11.27 -20.27 -7.01
N ALA A 191 -12.18 -20.44 -6.03
CA ALA A 191 -12.13 -19.74 -4.74
C ALA A 191 -10.97 -20.31 -3.89
N GLN A 192 -10.64 -21.62 -4.07
CA GLN A 192 -9.55 -22.33 -3.39
C GLN A 192 -8.19 -21.67 -3.56
N LEU A 193 -7.95 -21.03 -4.72
CA LEU A 193 -6.73 -20.33 -5.10
C LEU A 193 -6.23 -19.41 -3.97
N ASP A 194 -7.17 -18.78 -3.25
CA ASP A 194 -6.95 -17.86 -2.12
C ASP A 194 -7.02 -18.49 -0.72
N THR A 195 -7.33 -19.81 -0.63
CA THR A 195 -7.43 -20.58 0.62
C THR A 195 -6.26 -21.55 0.73
N HIS A 196 -5.91 -22.20 -0.38
CA HIS A 196 -4.82 -23.17 -0.44
C HIS A 196 -3.85 -22.66 -1.52
N PRO A 197 -2.88 -21.78 -1.16
CA PRO A 197 -2.04 -21.15 -2.20
C PRO A 197 -0.99 -22.04 -2.85
N VAL A 198 -0.60 -21.68 -4.09
CA VAL A 198 0.46 -22.27 -4.91
C VAL A 198 1.16 -21.10 -5.63
N GLY A 199 2.44 -20.94 -5.32
CA GLY A 199 3.28 -19.91 -5.90
C GLY A 199 4.66 -20.45 -6.18
N THR A 200 5.61 -19.55 -6.45
CA THR A 200 7.00 -19.88 -6.74
C THR A 200 7.96 -19.26 -5.68
N GLY A 201 7.39 -18.67 -4.63
CA GLY A 201 8.15 -17.99 -3.60
C GLY A 201 9.19 -18.81 -2.87
N PRO A 202 10.08 -18.16 -2.09
CA PRO A 202 11.11 -18.92 -1.35
C PRO A 202 10.53 -19.71 -0.18
N TYR A 203 9.31 -19.33 0.25
CA TYR A 203 8.56 -19.99 1.30
C TYR A 203 7.28 -20.50 0.70
N GLN A 204 6.77 -21.54 1.31
CA GLN A 204 5.62 -22.34 0.94
C GLN A 204 4.66 -22.40 2.14
N VAL A 205 3.34 -22.50 1.89
CA VAL A 205 2.31 -22.60 2.95
C VAL A 205 2.19 -24.08 3.35
N LYS A 206 2.33 -24.35 4.66
CA LYS A 206 2.26 -25.70 5.24
C LYS A 206 0.84 -25.91 5.75
N ASP A 207 0.42 -25.07 6.73
CA ASP A 207 -0.92 -25.02 7.32
C ASP A 207 -1.18 -23.64 7.93
N TYR A 208 -2.47 -23.30 8.19
CA TYR A 208 -2.90 -22.01 8.77
C TYR A 208 -4.25 -22.13 9.47
N VAL A 209 -4.60 -21.12 10.25
CA VAL A 209 -5.90 -20.94 10.87
C VAL A 209 -6.19 -19.46 10.69
N TYR A 210 -7.29 -19.13 9.97
CA TYR A 210 -7.68 -17.76 9.65
C TYR A 210 -7.67 -16.81 10.84
N ASN A 211 -7.00 -15.63 10.67
CA ASN A 211 -6.85 -14.57 11.68
C ASN A 211 -6.12 -15.04 12.95
N GLN A 212 -5.43 -16.20 12.88
CA GLN A 212 -4.74 -16.77 14.04
C GLN A 212 -3.23 -16.99 13.81
N TYR A 213 -2.88 -17.91 12.89
CA TYR A 213 -1.49 -18.16 12.54
C TYR A 213 -1.34 -18.63 11.10
N VAL A 214 -0.13 -18.46 10.53
CA VAL A 214 0.26 -19.01 9.22
C VAL A 214 1.60 -19.77 9.43
N ARG A 215 1.62 -21.08 9.06
CA ARG A 215 2.84 -21.91 9.15
C ARG A 215 3.50 -22.04 7.79
N LEU A 216 4.68 -21.42 7.62
CA LEU A 216 5.46 -21.43 6.38
C LEU A 216 6.64 -22.38 6.48
N VAL A 217 7.00 -22.94 5.34
CA VAL A 217 8.12 -23.86 5.22
C VAL A 217 8.93 -23.42 4.00
N ARG A 218 10.26 -23.54 4.08
CA ARG A 218 11.16 -23.20 2.99
C ARG A 218 10.85 -24.09 1.74
N ASN A 219 10.87 -23.46 0.55
CA ASN A 219 10.69 -24.09 -0.75
C ASN A 219 12.08 -24.60 -1.12
N GLU A 220 12.23 -25.94 -1.23
CA GLU A 220 13.54 -26.57 -1.50
C GLU A 220 13.99 -26.40 -2.94
N ASN A 221 13.03 -26.43 -3.89
CA ASN A 221 13.29 -26.26 -5.32
C ASN A 221 13.06 -24.82 -5.80
N TYR A 222 13.63 -23.84 -5.07
CA TYR A 222 13.54 -22.41 -5.40
C TYR A 222 14.62 -22.05 -6.43
N TRP A 223 14.30 -21.09 -7.31
CA TRP A 223 15.15 -20.63 -8.42
C TRP A 223 16.30 -19.70 -8.04
N LYS A 224 16.45 -19.36 -6.77
CA LYS A 224 17.45 -18.39 -6.30
C LYS A 224 18.05 -18.91 -4.98
N LYS A 225 19.00 -18.18 -4.39
CA LYS A 225 19.56 -18.52 -3.08
C LYS A 225 18.41 -18.85 -2.15
N GLU A 226 18.42 -20.07 -1.62
CA GLU A 226 17.47 -20.70 -0.72
C GLU A 226 17.30 -19.91 0.58
N ALA A 227 16.10 -20.01 1.21
CA ALA A 227 15.77 -19.43 2.51
C ALA A 227 16.70 -20.02 3.59
N LYS A 228 17.17 -19.19 4.52
CA LYS A 228 18.10 -19.69 5.54
C LYS A 228 17.40 -20.40 6.70
N ILE A 229 16.16 -19.98 7.07
CA ILE A 229 15.34 -20.57 8.14
C ILE A 229 14.29 -21.46 7.47
N GLU A 230 14.28 -22.73 7.85
CA GLU A 230 13.40 -23.75 7.30
C GLU A 230 11.90 -23.53 7.63
N HIS A 231 11.60 -23.15 8.88
CA HIS A 231 10.22 -22.99 9.34
C HIS A 231 9.94 -21.62 9.95
N ILE A 232 8.89 -20.92 9.44
CA ILE A 232 8.50 -19.61 9.99
C ILE A 232 7.01 -19.63 10.31
N ILE A 233 6.64 -19.09 11.52
CA ILE A 233 5.25 -18.96 11.95
C ILE A 233 4.88 -17.49 12.01
N VAL A 234 3.80 -17.12 11.28
CA VAL A 234 3.23 -15.78 11.25
C VAL A 234 2.07 -15.81 12.24
N ASP A 235 2.28 -15.16 13.41
CA ASP A 235 1.34 -15.10 14.51
C ASP A 235 0.49 -13.82 14.38
N LEU A 236 -0.83 -14.01 14.25
CA LEU A 236 -1.83 -12.97 14.07
C LEU A 236 -2.75 -12.81 15.31
N SER A 237 -2.77 -13.83 16.19
CA SER A 237 -3.59 -14.03 17.39
C SER A 237 -3.59 -12.90 18.45
N THR A 238 -2.43 -12.29 18.77
CA THR A 238 -2.35 -11.26 19.84
C THR A 238 -2.71 -9.81 19.39
N ASP A 239 -3.25 -9.02 20.33
CA ASP A 239 -3.59 -7.60 20.13
C ASP A 239 -2.33 -6.73 20.16
N ARG A 240 -2.45 -5.44 19.76
CA ARG A 240 -1.34 -4.48 19.65
C ARG A 240 -0.57 -4.29 20.97
N SER A 241 -1.30 -4.32 22.10
CA SER A 241 -0.82 -4.14 23.47
C SER A 241 0.03 -5.32 23.99
N GLY A 242 -0.47 -6.52 23.77
CA GLY A 242 0.20 -7.73 24.23
C GLY A 242 1.21 -8.32 23.27
N ARG A 243 1.56 -7.57 22.20
CA ARG A 243 2.53 -8.02 21.22
C ARG A 243 3.93 -7.97 21.78
N LEU A 244 4.31 -6.83 22.43
CA LEU A 244 5.61 -6.69 23.09
C LEU A 244 5.74 -7.62 24.31
N VAL A 245 4.60 -7.95 24.94
CA VAL A 245 4.46 -8.89 26.05
C VAL A 245 4.91 -10.29 25.55
N LYS A 246 4.31 -10.79 24.44
CA LYS A 246 4.64 -12.08 23.79
C LYS A 246 6.14 -12.17 23.35
N PHE A 247 6.71 -11.04 22.89
CA PHE A 247 8.10 -10.88 22.46
C PHE A 247 9.08 -11.10 23.62
N PHE A 248 8.90 -10.34 24.70
CA PHE A 248 9.72 -10.41 25.91
C PHE A 248 9.58 -11.74 26.67
N ASN A 249 8.49 -12.47 26.40
CA ASN A 249 8.18 -13.81 26.92
C ASN A 249 8.82 -14.86 26.02
N ASN A 250 9.59 -14.40 24.99
CA ASN A 250 10.36 -15.14 23.98
C ASN A 250 9.56 -16.21 23.22
N GLU A 251 8.27 -15.92 22.92
CA GLU A 251 7.39 -16.76 22.11
C GLU A 251 7.23 -16.05 20.74
N CYS A 252 8.14 -15.09 20.45
CA CYS A 252 8.02 -14.17 19.34
C CYS A 252 9.40 -13.47 19.16
N GLN A 253 10.07 -13.73 18.02
CA GLN A 253 11.43 -13.23 17.76
C GLN A 253 11.48 -11.94 17.01
N ILE A 254 10.44 -11.67 16.19
CA ILE A 254 10.19 -10.40 15.49
C ILE A 254 8.76 -10.00 15.81
N ALA A 255 8.61 -8.79 16.35
CA ALA A 255 7.33 -8.19 16.70
C ALA A 255 7.13 -6.99 15.80
N SER A 256 6.06 -7.01 15.00
CA SER A 256 5.69 -5.95 14.04
C SER A 256 4.56 -5.10 14.60
N TYR A 257 4.47 -3.81 14.15
CA TYR A 257 3.49 -2.79 14.57
CA TYR A 257 3.45 -2.84 14.55
C TYR A 257 3.17 -2.87 16.08
N PRO A 258 4.14 -2.49 16.97
CA PRO A 258 3.86 -2.57 18.42
C PRO A 258 3.01 -1.37 18.90
N GLU A 259 2.46 -1.42 20.14
CA GLU A 259 1.68 -0.30 20.69
C GLU A 259 2.60 0.90 20.82
N VAL A 260 2.16 2.02 20.27
CA VAL A 260 2.89 3.28 20.15
C VAL A 260 3.41 3.84 21.50
N SER A 261 2.63 3.72 22.59
CA SER A 261 2.98 4.17 23.93
C SER A 261 4.08 3.28 24.52
N GLN A 262 4.11 2.00 24.10
CA GLN A 262 5.06 0.98 24.51
C GLN A 262 6.46 1.21 23.91
N ILE A 263 6.53 1.94 22.78
CA ILE A 263 7.76 2.26 22.07
C ILE A 263 8.71 3.10 22.94
N GLY A 264 8.13 4.09 23.64
CA GLY A 264 8.87 4.96 24.55
C GLY A 264 9.44 4.28 25.79
N LEU A 265 9.13 2.98 25.97
CA LEU A 265 9.62 2.13 27.08
C LEU A 265 10.88 1.39 26.62
N LEU A 266 10.98 1.18 25.30
CA LEU A 266 12.08 0.49 24.64
C LEU A 266 13.32 1.37 24.47
N LYS A 267 14.48 0.74 24.20
CA LYS A 267 15.77 1.41 24.01
C LYS A 267 16.58 0.86 22.84
N ASN A 268 17.61 1.61 22.42
CA ASN A 268 18.53 1.23 21.35
C ASN A 268 19.89 0.77 21.94
N ASP A 269 19.99 0.77 23.29
CA ASP A 269 21.16 0.37 24.07
C ASP A 269 21.13 -1.13 24.44
N ASP A 270 19.94 -1.77 24.36
CA ASP A 270 19.74 -3.16 24.76
C ASP A 270 20.52 -4.17 23.93
N LYS A 271 21.04 -5.19 24.62
CA LYS A 271 21.85 -6.25 24.06
C LYS A 271 21.03 -7.53 23.84
N HIS A 272 19.70 -7.45 24.04
CA HIS A 272 18.79 -8.60 23.86
C HIS A 272 17.74 -8.38 22.77
N TYR A 273 17.54 -7.12 22.38
CA TYR A 273 16.63 -6.75 21.32
C TYR A 273 17.10 -5.49 20.65
N TYR A 274 16.70 -5.30 19.40
CA TYR A 274 16.94 -4.08 18.64
C TYR A 274 15.64 -3.66 17.92
N MET A 275 15.51 -2.35 17.64
CA MET A 275 14.37 -1.78 16.92
C MET A 275 14.82 -1.32 15.55
N GLN A 276 13.91 -1.41 14.59
CA GLN A 276 14.14 -0.97 13.22
C GLN A 276 12.92 -0.18 12.75
N SER A 277 13.15 1.06 12.30
CA SER A 277 12.10 1.93 11.77
C SER A 277 12.34 2.12 10.26
N THR A 278 11.34 2.67 9.57
CA THR A 278 11.42 3.02 8.15
C THR A 278 10.37 4.05 7.75
N ASP A 279 10.81 5.03 6.96
CA ASP A 279 9.96 6.03 6.36
C ASP A 279 9.51 5.45 5.01
N GLY A 280 8.60 6.14 4.36
CA GLY A 280 8.07 5.74 3.07
C GLY A 280 6.78 6.45 2.78
N MET A 281 5.96 5.85 1.94
CA MET A 281 4.64 6.38 1.65
C MET A 281 3.69 5.71 2.63
N ASN A 282 3.46 6.40 3.75
CA ASN A 282 2.55 6.04 4.83
C ASN A 282 1.98 7.38 5.33
N LEU A 283 0.94 7.86 4.61
CA LEU A 283 0.30 9.15 4.84
C LEU A 283 -1.08 9.07 5.48
N ALA A 284 -1.30 9.82 6.58
CA ALA A 284 -2.61 10.00 7.22
C ALA A 284 -3.12 11.37 6.71
N TYR A 285 -4.38 11.46 6.24
CA TYR A 285 -4.91 12.73 5.73
C TYR A 285 -6.37 12.92 6.01
N LEU A 286 -6.84 14.16 5.79
CA LEU A 286 -8.24 14.55 5.93
C LEU A 286 -8.73 15.04 4.57
N ALA A 287 -9.78 14.41 4.06
CA ALA A 287 -10.35 14.78 2.76
C ALA A 287 -11.64 15.58 2.93
N PHE A 288 -11.89 16.53 2.01
CA PHE A 288 -13.10 17.35 1.95
C PHE A 288 -14.00 16.74 0.90
N ASN A 289 -15.27 16.45 1.25
CA ASN A 289 -16.28 15.89 0.33
C ASN A 289 -16.73 17.02 -0.61
N PHE A 290 -16.29 16.97 -1.89
CA PHE A 290 -16.60 17.98 -2.90
C PHE A 290 -17.99 17.82 -3.52
N ASP A 291 -18.86 17.11 -2.80
CA ASP A 291 -20.25 16.91 -3.19
C ASP A 291 -21.07 17.85 -2.29
N LYS A 292 -20.39 18.43 -1.25
CA LYS A 292 -20.93 19.39 -0.30
C LYS A 292 -20.64 20.80 -0.81
N PRO A 293 -21.70 21.59 -1.14
CA PRO A 293 -21.50 22.91 -1.76
C PRO A 293 -20.60 23.88 -1.01
N LEU A 294 -20.49 23.68 0.31
CA LEU A 294 -19.70 24.45 1.26
C LEU A 294 -18.26 24.01 1.13
N MET A 295 -18.03 22.67 1.08
CA MET A 295 -16.71 22.06 0.94
C MET A 295 -16.03 22.39 -0.41
N ARG A 296 -16.82 22.83 -1.44
CA ARG A 296 -16.33 23.24 -2.75
C ARG A 296 -15.76 24.69 -2.74
N ASP A 297 -15.97 25.39 -1.61
CA ASP A 297 -15.50 26.75 -1.35
C ASP A 297 -14.05 26.65 -0.87
N HIS A 298 -13.12 27.28 -1.62
CA HIS A 298 -11.69 27.27 -1.29
C HIS A 298 -11.39 27.99 0.03
N GLU A 299 -12.15 29.06 0.32
CA GLU A 299 -12.00 29.92 1.50
C GLU A 299 -12.12 29.15 2.81
N ILE A 300 -13.15 28.30 2.92
CA ILE A 300 -13.39 27.50 4.11
C ILE A 300 -12.35 26.34 4.23
N ARG A 301 -11.96 25.70 3.10
CA ARG A 301 -11.00 24.59 3.02
C ARG A 301 -9.62 24.98 3.51
N ALA A 302 -9.22 26.21 3.17
CA ALA A 302 -7.95 26.79 3.52
C ALA A 302 -7.94 27.26 4.97
N ALA A 303 -9.13 27.62 5.50
CA ALA A 303 -9.32 28.08 6.89
C ALA A 303 -9.38 26.90 7.86
N ILE A 304 -10.10 25.81 7.48
CA ILE A 304 -10.20 24.56 8.23
C ILE A 304 -8.79 23.99 8.44
N SER A 305 -7.93 24.08 7.42
CA SER A 305 -6.54 23.62 7.48
C SER A 305 -5.72 24.49 8.43
N GLN A 306 -6.01 25.81 8.43
CA GLN A 306 -5.34 26.79 9.30
C GLN A 306 -5.74 26.61 10.75
N SER A 307 -6.94 26.06 11.00
CA SER A 307 -7.48 25.78 12.33
C SER A 307 -6.89 24.52 12.97
N LEU A 308 -6.24 23.66 12.17
CA LEU A 308 -5.70 22.39 12.66
C LEU A 308 -4.25 22.45 13.12
N ASN A 309 -4.03 22.12 14.40
CA ASN A 309 -2.73 22.04 15.04
C ASN A 309 -2.21 20.63 14.84
N ARG A 310 -1.68 20.37 13.64
CA ARG A 310 -1.15 19.07 13.24
C ARG A 310 0.09 18.67 14.03
N ALA A 311 0.84 19.65 14.58
CA ALA A 311 2.05 19.43 15.41
C ALA A 311 1.69 18.70 16.71
N ARG A 312 0.65 19.18 17.40
CA ARG A 312 0.08 18.65 18.65
C ARG A 312 -0.50 17.24 18.46
N ILE A 313 -1.01 16.93 17.24
CA ILE A 313 -1.57 15.62 16.88
C ILE A 313 -0.49 14.53 16.85
N ILE A 314 0.69 14.85 16.26
CA ILE A 314 1.87 13.97 16.09
C ILE A 314 2.39 13.41 17.42
N HIS A 315 2.26 14.19 18.51
CA HIS A 315 2.72 13.77 19.82
C HIS A 315 1.69 12.94 20.58
N SER A 316 0.43 13.37 20.54
CA SER A 316 -0.65 12.70 21.22
C SER A 316 -1.04 11.38 20.56
N ILE A 317 -0.95 11.30 19.21
CA ILE A 317 -1.33 10.09 18.48
C ILE A 317 -0.14 9.19 18.15
N TYR A 318 0.98 9.78 17.71
CA TYR A 318 2.14 9.02 17.25
C TYR A 318 3.35 8.98 18.17
N HIS A 319 3.39 9.81 19.23
CA HIS A 319 4.50 9.87 20.19
C HIS A 319 5.88 9.85 19.44
N ASN A 320 6.17 10.90 18.65
CA ASN A 320 7.43 11.08 17.89
C ASN A 320 7.74 9.94 16.85
N THR A 321 6.73 9.11 16.45
CA THR A 321 6.92 8.07 15.40
C THR A 321 6.36 8.56 14.06
N ALA A 322 6.20 9.90 13.90
CA ALA A 322 5.68 10.55 12.70
C ALA A 322 6.21 11.99 12.52
N THR A 323 6.06 12.53 11.29
CA THR A 323 6.48 13.85 10.82
C THR A 323 5.21 14.60 10.38
N VAL A 324 5.08 15.91 10.70
CA VAL A 324 3.93 16.71 10.24
C VAL A 324 4.13 16.77 8.70
N ALA A 325 3.15 16.28 7.93
CA ALA A 325 3.29 16.25 6.48
C ALA A 325 2.73 17.48 5.83
N ASN A 326 3.59 18.16 5.06
CA ASN A 326 3.30 19.34 4.22
C ASN A 326 3.69 18.92 2.76
N ASN A 327 3.43 17.61 2.42
CA ASN A 327 3.72 16.93 1.14
C ASN A 327 2.79 15.72 0.93
N ILE A 328 2.73 15.21 -0.31
CA ILE A 328 1.95 14.01 -0.70
C ILE A 328 2.93 12.96 -1.16
N ILE A 329 3.97 13.39 -1.93
CA ILE A 329 5.05 12.53 -2.39
C ILE A 329 6.12 12.45 -1.26
N PRO A 330 6.42 11.24 -0.68
CA PRO A 330 7.50 11.14 0.33
C PRO A 330 8.88 11.54 -0.21
N GLU A 331 9.84 11.87 0.70
CA GLU A 331 11.23 12.23 0.35
C GLU A 331 12.09 11.01 -0.12
N VAL A 332 11.59 9.79 0.12
CA VAL A 332 12.22 8.52 -0.28
C VAL A 332 11.85 8.17 -1.75
N SER A 333 10.92 8.96 -2.36
CA SER A 333 10.47 8.75 -3.73
C SER A 333 11.44 9.40 -4.68
N TRP A 334 11.74 8.72 -5.78
CA TRP A 334 12.61 9.24 -6.84
C TRP A 334 12.00 10.53 -7.44
N ALA A 335 10.67 10.70 -7.25
CA ALA A 335 9.85 11.81 -7.72
C ALA A 335 9.81 12.99 -6.76
N SER A 336 10.52 12.91 -5.62
CA SER A 336 10.57 14.03 -4.70
C SER A 336 11.73 14.95 -5.06
N THR A 337 11.48 15.95 -5.95
CA THR A 337 12.50 16.92 -6.36
C THR A 337 12.30 18.23 -5.55
N VAL A 338 11.09 18.36 -4.92
CA VAL A 338 10.76 19.47 -4.04
C VAL A 338 11.35 19.14 -2.66
N ASN A 339 11.92 20.13 -1.98
CA ASN A 339 12.49 19.91 -0.64
C ASN A 339 11.49 20.34 0.44
N THR A 340 10.23 19.84 0.29
CA THR A 340 9.04 20.07 1.13
C THR A 340 8.95 21.55 1.59
N PRO A 341 8.45 22.47 0.72
CA PRO A 341 8.36 23.88 1.12
C PRO A 341 7.38 24.12 2.28
N GLU A 342 7.45 25.33 2.90
CA GLU A 342 6.56 25.72 4.01
C GLU A 342 5.09 25.70 3.57
N PHE A 343 4.22 25.12 4.41
CA PHE A 343 2.81 25.03 4.07
C PHE A 343 2.10 26.35 4.32
N GLU A 344 1.50 26.89 3.25
CA GLU A 344 0.77 28.15 3.19
C GLU A 344 -0.54 28.13 3.99
N PHE A 345 -1.07 26.92 4.28
CA PHE A 345 -2.33 26.75 5.02
C PHE A 345 -2.13 25.98 6.35
N ASP A 346 -0.91 26.07 6.91
CA ASP A 346 -0.54 25.46 8.19
C ASP A 346 -1.26 26.20 9.34
N TYR A 347 -1.14 25.67 10.58
CA TYR A 347 -1.78 26.18 11.78
C TYR A 347 -1.54 27.69 12.08
N HIS A 348 -2.66 28.45 12.07
CA HIS A 348 -2.82 29.87 12.42
C HIS A 348 -4.30 30.05 12.82
N PRO A 349 -4.60 29.89 14.14
CA PRO A 349 -6.01 29.92 14.58
C PRO A 349 -6.73 31.26 14.50
N LYS A 350 -5.96 32.37 14.43
CA LYS A 350 -6.50 33.73 14.35
C LYS A 350 -7.20 33.98 13.01
N ILE A 351 -6.55 33.61 11.87
CA ILE A 351 -7.11 33.74 10.51
C ILE A 351 -8.33 32.82 10.36
N ALA A 352 -8.20 31.59 10.89
CA ALA A 352 -9.23 30.56 10.89
C ALA A 352 -10.50 30.99 11.65
N LYS A 353 -10.34 31.57 12.87
CA LYS A 353 -11.42 32.09 13.74
C LYS A 353 -12.30 33.13 13.02
N ASN A 354 -11.66 34.07 12.28
CA ASN A 354 -12.34 35.14 11.55
C ASN A 354 -13.26 34.60 10.45
N LYS A 355 -12.68 33.79 9.54
CA LYS A 355 -13.39 33.24 8.39
C LYS A 355 -14.45 32.18 8.70
N LEU A 356 -14.35 31.51 9.88
CA LEU A 356 -15.27 30.40 10.17
C LEU A 356 -16.35 30.67 11.24
N ALA A 357 -15.99 31.31 12.38
CA ALA A 357 -16.92 31.59 13.49
C ALA A 357 -18.16 32.35 13.02
N ASP A 358 -17.95 33.40 12.20
CA ASP A 358 -19.00 34.24 11.63
C ASP A 358 -19.84 33.48 10.58
N LYS A 359 -19.27 32.40 9.98
CA LYS A 359 -19.95 31.56 9.00
C LYS A 359 -20.93 30.56 9.63
N ASN A 360 -20.79 30.30 10.97
CA ASN A 360 -21.63 29.40 11.77
C ASN A 360 -21.80 28.01 11.09
N LEU A 361 -20.68 27.23 11.02
CA LEU A 361 -20.64 25.92 10.34
C LEU A 361 -20.73 24.71 11.25
N LEU A 362 -21.55 23.71 10.83
CA LEU A 362 -21.75 22.40 11.49
C LEU A 362 -21.54 21.30 10.44
N LEU A 363 -20.46 20.48 10.63
CA LEU A 363 -20.03 19.47 9.65
C LEU A 363 -19.87 18.05 10.21
N ASN A 364 -20.36 17.05 9.44
CA ASN A 364 -20.26 15.62 9.79
C ASN A 364 -18.88 15.09 9.39
N LEU A 365 -18.07 14.73 10.39
CA LEU A 365 -16.74 14.15 10.18
C LEU A 365 -16.79 12.62 10.40
N TRP A 366 -16.57 11.84 9.32
CA TRP A 366 -16.57 10.37 9.42
C TRP A 366 -15.17 9.85 9.62
N VAL A 367 -15.08 8.76 10.37
CA VAL A 367 -13.84 8.06 10.72
C VAL A 367 -14.08 6.58 10.42
N ILE A 368 -13.21 6.01 9.61
CA ILE A 368 -13.34 4.61 9.27
C ILE A 368 -12.96 3.78 10.50
N ASN A 369 -13.94 3.00 11.00
CA ASN A 369 -13.78 2.19 12.20
C ASN A 369 -13.09 0.87 11.90
N GLU A 370 -11.75 0.91 11.96
CA GLU A 370 -10.82 -0.18 11.68
C GLU A 370 -9.42 0.20 12.16
N GLU A 371 -8.51 -0.78 12.16
CA GLU A 371 -7.11 -0.60 12.48
C GLU A 371 -6.48 0.00 11.19
N GLN A 372 -5.82 1.14 11.37
CA GLN A 372 -5.20 1.89 10.28
C GLN A 372 -3.71 1.86 10.51
N VAL A 373 -2.92 1.65 9.44
CA VAL A 373 -1.46 1.59 9.56
C VAL A 373 -0.91 3.00 9.73
N TYR A 374 -1.60 3.98 9.15
CA TYR A 374 -1.27 5.41 9.22
C TYR A 374 -1.92 6.07 10.45
N ASN A 375 -2.69 5.32 11.26
CA ASN A 375 -3.38 5.87 12.42
C ASN A 375 -3.49 4.89 13.58
N PRO A 376 -2.69 5.08 14.65
CA PRO A 376 -2.80 4.21 15.83
C PRO A 376 -4.15 4.44 16.54
N ALA A 377 -4.56 5.72 16.72
CA ALA A 377 -5.80 6.17 17.35
C ALA A 377 -6.58 7.17 16.46
N PRO A 378 -7.40 6.66 15.50
CA PRO A 378 -8.12 7.57 14.57
C PRO A 378 -9.25 8.42 15.19
N PHE A 379 -9.92 7.90 16.24
CA PHE A 379 -11.02 8.56 16.92
C PHE A 379 -10.52 9.62 17.87
N LYS A 380 -9.38 9.34 18.53
CA LYS A 380 -8.70 10.29 19.41
C LYS A 380 -8.29 11.50 18.60
N MET A 381 -7.76 11.27 17.38
CA MET A 381 -7.37 12.31 16.45
C MET A 381 -8.59 13.11 15.93
N ALA A 382 -9.72 12.42 15.73
CA ALA A 382 -10.95 13.04 15.29
C ALA A 382 -11.52 13.99 16.37
N GLU A 383 -11.19 13.74 17.67
CA GLU A 383 -11.60 14.59 18.80
C GLU A 383 -10.72 15.85 18.83
N MET A 384 -9.40 15.67 18.59
CA MET A 384 -8.39 16.75 18.53
C MET A 384 -8.67 17.71 17.36
N ILE A 385 -9.29 17.19 16.27
CA ILE A 385 -9.72 17.94 15.08
C ILE A 385 -11.04 18.69 15.42
N LYS A 386 -11.97 18.00 16.12
CA LYS A 386 -13.26 18.51 16.62
C LYS A 386 -13.00 19.66 17.59
N TRP A 387 -11.94 19.55 18.41
CA TRP A 387 -11.56 20.56 19.38
C TRP A 387 -10.94 21.77 18.68
N ASP A 388 -9.90 21.57 17.84
CA ASP A 388 -9.22 22.61 17.07
C ASP A 388 -10.16 23.46 16.20
N LEU A 389 -11.23 22.83 15.65
CA LEU A 389 -12.22 23.49 14.82
C LEU A 389 -13.28 24.27 15.61
N ALA A 390 -13.61 23.81 16.84
CA ALA A 390 -14.55 24.48 17.74
C ALA A 390 -13.96 25.84 18.20
N GLN A 391 -12.62 25.90 18.40
CA GLN A 391 -11.87 27.11 18.77
C GLN A 391 -12.04 28.23 17.74
N ALA A 392 -12.18 27.85 16.46
CA ALA A 392 -12.38 28.79 15.35
C ALA A 392 -13.89 28.95 14.98
N GLY A 393 -14.77 28.36 15.78
CA GLY A 393 -16.22 28.45 15.59
C GLY A 393 -16.87 27.48 14.62
N VAL A 394 -16.38 26.21 14.58
CA VAL A 394 -16.91 25.15 13.72
C VAL A 394 -17.36 23.96 14.57
N LYS A 395 -18.63 23.55 14.42
CA LYS A 395 -19.19 22.40 15.11
C LYS A 395 -18.94 21.14 14.29
N VAL A 396 -18.26 20.15 14.90
CA VAL A 396 -17.94 18.89 14.26
C VAL A 396 -18.69 17.78 14.99
N LYS A 397 -19.31 16.84 14.23
CA LYS A 397 -20.02 15.68 14.76
C LYS A 397 -19.36 14.42 14.18
N VAL A 398 -18.47 13.81 14.96
CA VAL A 398 -17.70 12.65 14.50
C VAL A 398 -18.56 11.38 14.47
N ARG A 399 -18.39 10.58 13.38
CA ARG A 399 -19.14 9.35 13.18
C ARG A 399 -18.26 8.15 12.85
N ALA A 400 -18.39 7.07 13.66
CA ALA A 400 -17.72 5.77 13.47
C ALA A 400 -18.49 5.08 12.35
N VAL A 401 -17.82 4.94 11.20
CA VAL A 401 -18.39 4.37 9.99
C VAL A 401 -17.66 3.08 9.63
N THR A 402 -18.40 2.06 9.10
CA THR A 402 -17.75 0.81 8.69
C THR A 402 -17.38 0.91 7.21
N ARG A 403 -16.35 0.14 6.81
CA ARG A 403 -15.85 0.05 5.43
C ARG A 403 -17.01 -0.29 4.43
N PRO A 404 -17.92 -1.28 4.67
CA PRO A 404 -19.01 -1.52 3.70
C PRO A 404 -20.15 -0.49 3.74
N PHE A 405 -20.36 0.18 4.91
CA PHE A 405 -21.40 1.20 5.04
C PHE A 405 -21.05 2.42 4.18
N LEU A 406 -19.74 2.78 4.14
CA LEU A 406 -19.18 3.87 3.33
C LEU A 406 -19.30 3.49 1.85
N THR A 407 -19.09 2.19 1.53
CA THR A 407 -19.20 1.64 0.18
C THR A 407 -20.67 1.76 -0.32
N ALA A 408 -21.65 1.71 0.62
CA ALA A 408 -23.07 1.88 0.33
C ALA A 408 -23.38 3.36 0.07
N GLN A 409 -22.71 4.27 0.80
CA GLN A 409 -22.81 5.75 0.75
C GLN A 409 -24.27 6.26 0.69
N GLU A 415 -27.75 12.19 6.58
CA GLU A 415 -26.52 12.98 6.64
C GLU A 415 -25.30 12.24 6.05
N ASN A 416 -24.65 12.85 5.03
CA ASN A 416 -23.45 12.34 4.36
C ASN A 416 -22.25 13.11 4.93
N TYR A 417 -21.03 12.54 4.89
CA TYR A 417 -19.87 13.25 5.46
C TYR A 417 -19.49 14.55 4.75
N ASP A 418 -18.99 15.50 5.53
CA ASP A 418 -18.47 16.76 5.01
C ASP A 418 -16.96 16.63 4.97
N LEU A 419 -16.37 15.97 6.00
CA LEU A 419 -14.94 15.67 6.12
C LEU A 419 -14.76 14.18 6.47
N ILE A 420 -13.71 13.52 5.96
CA ILE A 420 -13.42 12.12 6.30
C ILE A 420 -11.93 11.98 6.62
N LEU A 421 -11.61 11.12 7.58
CA LEU A 421 -10.25 10.89 8.05
C LEU A 421 -9.81 9.53 7.54
N SER A 422 -8.79 9.54 6.65
CA SER A 422 -8.25 8.33 6.01
C SER A 422 -6.72 8.40 5.82
N GLY A 423 -6.21 7.75 4.78
CA GLY A 423 -4.79 7.72 4.46
C GLY A 423 -4.38 6.73 3.38
N TRP A 424 -3.07 6.65 3.14
CA TRP A 424 -2.54 5.72 2.15
C TRP A 424 -1.23 5.18 2.59
N LEU A 425 -1.08 3.87 2.43
CA LEU A 425 0.17 3.15 2.65
C LEU A 425 0.54 2.54 1.30
N ALA A 426 1.66 2.99 0.72
CA ALA A 426 2.16 2.48 -0.55
C ALA A 426 3.64 2.07 -0.48
N GLY A 427 3.94 0.92 -1.07
CA GLY A 427 5.28 0.38 -1.25
C GLY A 427 5.79 0.84 -2.60
N ASN A 428 4.87 0.96 -3.57
CA ASN A 428 5.07 1.47 -4.91
C ASN A 428 5.15 2.95 -4.73
N LEU A 429 6.37 3.47 -4.88
CA LEU A 429 6.73 4.86 -4.68
C LEU A 429 6.67 5.69 -5.94
N ASP A 430 6.08 5.10 -7.02
CA ASP A 430 5.78 5.75 -8.28
C ASP A 430 4.46 6.46 -7.99
N PRO A 431 4.44 7.81 -8.05
CA PRO A 431 3.21 8.55 -7.74
C PRO A 431 1.97 8.22 -8.58
N ASP A 432 2.10 7.44 -9.68
CA ASP A 432 0.96 6.99 -10.47
C ASP A 432 0.15 5.96 -9.64
N GLY A 433 0.83 5.23 -8.77
CA GLY A 433 0.23 4.24 -7.88
C GLY A 433 -0.46 4.76 -6.62
N PHE A 434 -0.30 6.07 -6.26
CA PHE A 434 -0.93 6.59 -5.05
C PHE A 434 -1.65 7.92 -5.26
N MET A 435 -1.13 8.81 -6.13
CA MET A 435 -1.75 10.11 -6.39
C MET A 435 -2.94 10.00 -7.35
N ARG A 436 -2.85 9.05 -8.30
CA ARG A 436 -3.92 8.77 -9.25
C ARG A 436 -5.10 8.13 -8.47
N PRO A 437 -4.95 7.03 -7.66
CA PRO A 437 -6.10 6.53 -6.89
C PRO A 437 -6.86 7.56 -6.02
N ILE A 438 -6.12 8.37 -5.24
CA ILE A 438 -6.64 9.37 -4.31
C ILE A 438 -7.27 10.63 -4.97
N LEU A 439 -6.61 11.27 -5.97
CA LEU A 439 -7.13 12.55 -6.51
C LEU A 439 -7.61 12.62 -7.99
N SER A 440 -7.47 11.55 -8.80
CA SER A 440 -7.86 11.62 -10.22
C SER A 440 -9.39 11.66 -10.44
N CYS A 441 -9.85 12.12 -11.63
CA CYS A 441 -11.28 12.21 -11.97
C CYS A 441 -11.88 10.85 -12.13
N GLY A 442 -11.09 9.91 -12.65
CA GLY A 442 -11.49 8.55 -12.94
C GLY A 442 -11.98 7.76 -11.73
N THR A 443 -11.39 8.07 -10.55
CA THR A 443 -11.66 7.42 -9.28
C THR A 443 -12.60 8.21 -8.37
N LYS A 444 -13.13 9.37 -8.86
CA LYS A 444 -14.06 10.25 -8.13
C LYS A 444 -15.21 9.47 -7.48
N ASN A 445 -15.90 8.62 -8.26
CA ASN A 445 -17.02 7.86 -7.71
C ASN A 445 -16.61 6.44 -7.23
N GLU A 446 -15.45 6.39 -6.51
CA GLU A 446 -14.85 5.19 -5.93
C GLU A 446 -14.39 5.43 -4.49
N LEU A 447 -14.02 4.35 -3.80
CA LEU A 447 -13.58 4.38 -2.42
C LEU A 447 -12.22 5.02 -2.24
N THR A 448 -11.40 5.02 -3.31
CA THR A 448 -10.06 5.57 -3.32
C THR A 448 -10.09 7.10 -3.28
N ASN A 449 -11.00 7.75 -4.02
CA ASN A 449 -11.09 9.21 -4.03
C ASN A 449 -12.22 9.66 -3.11
N LEU A 450 -11.92 9.72 -1.80
CA LEU A 450 -12.85 10.13 -0.72
C LEU A 450 -13.18 11.63 -0.73
N SER A 451 -12.50 12.39 -1.59
CA SER A 451 -12.68 13.83 -1.72
C SER A 451 -13.77 14.10 -2.72
N ASN A 452 -14.08 13.08 -3.57
CA ASN A 452 -15.03 13.18 -4.67
C ASN A 452 -14.63 14.40 -5.55
N TRP A 453 -13.29 14.65 -5.65
CA TRP A 453 -12.59 15.73 -6.38
C TRP A 453 -12.33 15.36 -7.82
N CYS A 454 -12.23 16.39 -8.67
CA CYS A 454 -11.91 16.28 -10.08
C CYS A 454 -11.35 17.58 -10.52
N ASN A 455 -10.10 17.58 -10.91
CA ASN A 455 -9.41 18.75 -11.38
C ASN A 455 -8.75 18.33 -12.68
N GLU A 456 -9.23 18.87 -13.82
CA GLU A 456 -8.71 18.52 -15.13
C GLU A 456 -7.24 18.97 -15.34
N GLU A 457 -6.75 20.00 -14.59
CA GLU A 457 -5.34 20.46 -14.66
C GLU A 457 -4.41 19.47 -13.93
N PHE A 458 -4.91 18.79 -12.87
CA PHE A 458 -4.23 17.78 -12.08
C PHE A 458 -4.09 16.51 -12.92
N ASP A 459 -5.20 16.06 -13.54
CA ASP A 459 -5.24 14.92 -14.44
C ASP A 459 -4.32 15.16 -15.64
N GLN A 460 -4.11 16.43 -16.03
CA GLN A 460 -3.24 16.87 -17.12
C GLN A 460 -1.78 16.53 -16.78
N PHE A 461 -1.31 16.94 -15.57
CA PHE A 461 0.08 16.70 -15.13
C PHE A 461 0.33 15.20 -14.99
N MET A 462 -0.67 14.50 -14.38
CA MET A 462 -0.66 13.06 -14.14
C MET A 462 -0.51 12.28 -15.42
N ASP A 463 -1.28 12.64 -16.45
CA ASP A 463 -1.22 11.98 -17.77
C ASP A 463 0.09 12.21 -18.45
N ARG A 464 0.61 13.44 -18.38
CA ARG A 464 1.89 13.85 -18.94
C ARG A 464 3.04 13.05 -18.32
N ALA A 465 3.03 12.88 -16.98
CA ALA A 465 4.05 12.18 -16.20
C ALA A 465 4.28 10.71 -16.57
N ILE A 466 3.36 10.07 -17.31
CA ILE A 466 3.48 8.68 -17.76
C ILE A 466 3.63 8.59 -19.32
N THR A 467 3.66 9.74 -20.03
CA THR A 467 3.87 9.80 -21.50
C THR A 467 5.35 10.10 -21.76
N THR A 468 6.03 10.61 -20.73
CA THR A 468 7.46 10.86 -20.73
C THR A 468 8.15 9.70 -19.96
N SER A 469 9.23 9.14 -20.52
CA SER A 469 9.91 7.98 -19.92
C SER A 469 11.01 8.30 -18.91
N HIS A 470 11.51 9.55 -18.88
CA HIS A 470 12.67 9.96 -18.08
C HIS A 470 12.31 10.61 -16.74
N LEU A 471 13.07 10.26 -15.68
CA LEU A 471 12.88 10.68 -14.29
C LEU A 471 12.78 12.18 -14.09
N SER A 472 13.57 12.97 -14.85
CA SER A 472 13.62 14.44 -14.78
C SER A 472 12.27 15.03 -15.20
N SER A 473 11.81 14.56 -16.36
CA SER A 473 10.56 14.87 -17.04
C SER A 473 9.36 14.41 -16.16
N ARG A 474 9.40 13.14 -15.65
CA ARG A 474 8.41 12.50 -14.76
C ARG A 474 8.24 13.21 -13.40
N ALA A 475 9.35 13.51 -12.67
CA ALA A 475 9.34 14.21 -11.39
C ALA A 475 8.87 15.67 -11.49
N LYS A 476 9.14 16.31 -12.63
CA LYS A 476 8.71 17.68 -12.89
C LYS A 476 7.17 17.73 -12.91
N ALA A 477 6.52 16.84 -13.70
CA ALA A 477 5.06 16.77 -13.79
C ALA A 477 4.42 16.34 -12.48
N TYR A 478 5.12 15.46 -11.69
CA TYR A 478 4.62 14.99 -10.40
C TYR A 478 4.72 16.08 -9.35
N ASN A 479 5.74 16.92 -9.43
CA ASN A 479 5.88 18.00 -8.48
C ASN A 479 4.93 19.12 -8.78
N GLU A 480 4.59 19.29 -10.07
CA GLU A 480 3.62 20.28 -10.55
C GLU A 480 2.24 19.96 -10.01
N ALA A 481 1.85 18.67 -10.08
CA ALA A 481 0.58 18.14 -9.56
C ALA A 481 0.51 18.22 -8.03
N GLN A 482 1.63 17.93 -7.35
CA GLN A 482 1.72 18.05 -5.88
C GLN A 482 1.50 19.52 -5.47
N GLU A 483 2.23 20.47 -6.15
CA GLU A 483 2.13 21.91 -5.92
C GLU A 483 0.70 22.39 -6.10
N LEU A 484 0.00 21.89 -7.14
CA LEU A 484 -1.42 22.19 -7.40
C LEU A 484 -2.28 21.66 -6.24
N VAL A 485 -2.07 20.40 -5.80
CA VAL A 485 -2.81 19.76 -4.69
C VAL A 485 -2.64 20.55 -3.40
N LEU A 486 -1.40 20.95 -3.08
CA LEU A 486 -1.10 21.72 -1.87
C LEU A 486 -1.73 23.15 -1.86
N ARG A 487 -2.10 23.70 -3.04
CA ARG A 487 -2.77 24.99 -3.11
C ARG A 487 -4.29 24.81 -3.21
N GLU A 488 -4.79 23.83 -4.01
CA GLU A 488 -6.24 23.60 -4.12
C GLU A 488 -6.86 22.98 -2.87
N LEU A 489 -6.03 22.35 -2.03
CA LEU A 489 -6.39 21.70 -0.77
C LEU A 489 -7.56 20.68 -0.88
N PRO A 490 -7.47 19.66 -1.79
CA PRO A 490 -8.54 18.64 -1.83
C PRO A 490 -8.48 17.70 -0.62
N ILE A 491 -7.28 17.64 0.02
CA ILE A 491 -6.97 16.86 1.21
C ILE A 491 -5.98 17.66 2.08
N ILE A 492 -6.02 17.45 3.40
CA ILE A 492 -5.04 18.04 4.30
C ILE A 492 -4.10 16.91 4.77
N PRO A 493 -2.83 16.87 4.29
CA PRO A 493 -1.88 15.88 4.82
C PRO A 493 -1.61 16.18 6.29
N ILE A 494 -1.77 15.16 7.14
CA ILE A 494 -1.58 15.23 8.58
C ILE A 494 -0.20 14.68 9.00
N ALA A 495 0.07 13.39 8.73
CA ALA A 495 1.27 12.71 9.17
C ALA A 495 2.02 11.88 8.16
N ASN A 496 3.36 11.83 8.33
CA ASN A 496 4.32 10.99 7.62
C ASN A 496 4.67 9.95 8.66
N VAL A 497 3.98 8.79 8.61
CA VAL A 497 4.06 7.70 9.58
C VAL A 497 5.22 6.72 9.28
N LYS A 498 5.88 6.22 10.35
CA LYS A 498 6.99 5.29 10.29
C LYS A 498 6.50 3.92 10.68
N ARG A 499 6.81 2.89 9.87
CA ARG A 499 6.52 1.50 10.21
C ARG A 499 7.70 1.03 11.08
N ILE A 500 7.39 0.44 12.25
CA ILE A 500 8.34 0.02 13.28
C ILE A 500 8.22 -1.49 13.50
N LEU A 501 9.35 -2.11 13.89
CA LEU A 501 9.43 -3.48 14.35
C LEU A 501 10.53 -3.63 15.43
N VAL A 502 10.36 -4.64 16.29
CA VAL A 502 11.32 -5.00 17.33
C VAL A 502 11.78 -6.41 17.01
N ALA A 503 13.10 -6.65 17.06
CA ALA A 503 13.70 -7.98 16.83
C ALA A 503 14.66 -8.34 17.94
N ASN A 504 14.76 -9.65 18.23
CA ASN A 504 15.68 -10.26 19.18
C ASN A 504 17.12 -10.19 18.64
N SER A 505 18.11 -10.15 19.56
CA SER A 505 19.54 -10.09 19.24
C SER A 505 20.10 -11.32 18.51
N ARG A 506 19.45 -12.50 18.65
CA ARG A 506 19.81 -13.76 17.97
C ARG A 506 19.55 -13.62 16.48
N VAL A 507 18.47 -12.89 16.14
CA VAL A 507 18.01 -12.71 14.77
C VAL A 507 18.82 -11.67 14.02
N LYS A 508 19.46 -12.13 12.93
CA LYS A 508 20.19 -11.30 11.97
C LYS A 508 19.54 -11.49 10.58
N GLY A 509 19.77 -10.55 9.69
CA GLY A 509 19.20 -10.57 8.36
C GLY A 509 17.88 -9.83 8.27
N VAL A 510 17.71 -8.78 9.10
CA VAL A 510 16.50 -7.97 9.13
C VAL A 510 16.71 -6.65 8.39
N LYS A 511 15.97 -6.46 7.29
CA LYS A 511 16.04 -5.23 6.49
C LYS A 511 14.65 -4.68 6.15
N MET A 512 14.27 -3.62 6.88
CA MET A 512 13.03 -2.89 6.71
C MET A 512 13.31 -1.82 5.65
N THR A 513 12.43 -1.78 4.63
CA THR A 513 12.52 -0.89 3.47
C THR A 513 11.22 -0.12 3.25
N PRO A 514 11.26 1.09 2.63
CA PRO A 514 10.01 1.80 2.29
C PRO A 514 9.25 1.14 1.15
N PHE A 515 9.88 0.19 0.45
CA PHE A 515 9.39 -0.44 -0.79
C PHE A 515 8.44 -1.61 -0.58
N GLY A 516 8.54 -2.26 0.56
CA GLY A 516 7.66 -3.36 0.85
C GLY A 516 7.71 -3.81 2.28
N SER A 517 7.11 -4.99 2.51
CA SER A 517 7.09 -5.71 3.77
C SER A 517 8.53 -6.21 4.12
N LEU A 518 8.64 -7.43 4.67
CA LEU A 518 9.93 -7.96 5.06
C LEU A 518 10.24 -9.20 4.28
N ASP A 519 11.48 -9.31 3.89
CA ASP A 519 11.97 -10.50 3.22
C ASP A 519 12.40 -11.50 4.30
N PHE A 520 11.66 -12.62 4.49
CA PHE A 520 12.00 -13.68 5.46
C PHE A 520 13.14 -14.60 4.95
N SER A 521 13.52 -14.49 3.66
CA SER A 521 14.57 -15.31 3.05
C SER A 521 15.95 -15.00 3.62
N THR A 522 16.16 -13.73 4.01
CA THR A 522 17.41 -13.21 4.53
C THR A 522 17.58 -13.43 6.04
N LEU A 523 16.53 -13.91 6.74
CA LEU A 523 16.61 -14.11 8.18
C LEU A 523 17.45 -15.34 8.53
N TYR A 524 18.19 -15.26 9.65
CA TYR A 524 19.04 -16.33 10.19
C TYR A 524 19.37 -16.02 11.64
N PHE A 525 19.62 -17.10 12.44
CA PHE A 525 19.99 -17.00 13.85
C PHE A 525 21.50 -17.03 14.03
N ILE A 526 21.99 -16.30 15.05
CA ILE A 526 23.42 -16.21 15.43
C ILE A 526 23.61 -16.70 16.88
NA NA C . -15.71 8.45 -4.04
#